data_1ELD
#
_entry.id   1ELD
#
_cell.length_a   52.030
_cell.length_b   57.760
_cell.length_c   75.319
_cell.angle_alpha   90.00
_cell.angle_beta   90.00
_cell.angle_gamma   90.00
#
_symmetry.space_group_name_H-M   'P 21 21 21'
#
loop_
_entity.id
_entity.type
_entity.pdbx_description
1 polymer ELASTASE
2 non-polymer N-(trifluoroacetyl)-L-phenylalanyl-N-[4-(trifluoromethyl)phenyl]-L-alaninamide
3 non-polymer 'CALCIUM ION'
4 non-polymer 'ACETIC ACID'
5 water water
#
_entity_poly.entity_id   1
_entity_poly.type   'polypeptide(L)'
_entity_poly.pdbx_seq_one_letter_code
;VVGGTEAQRNSWPSQISLQYRSGSSWAHTCGGTLIRQNWVMTAAHCVDRELTFRVVVGEHNLNQNNGTEQYVGVQKIVVH
PYWNTDDVAAGYDIALLRLAQSVTLNSYVQLGVLPRAGTILANNSPCYITGWGLTRTNGQLAQTLQQAYLPTVDYAICSS
SSYWGSTVKNSMVCAGGDGVRSGCQGDSGGPLHCLVNGQYAVHGVTSFVSRLGCNVTRKPTVFTRVSAYISWINNVIASN
;
_entity_poly.pdbx_strand_id   E
#
loop_
_chem_comp.id
_chem_comp.type
_chem_comp.name
_chem_comp.formula
0Z0 peptide-like N-(trifluoroacetyl)-L-phenylalanyl-N-[4-(trifluoromethyl)phenyl]-L-alaninamide 'C21 H19 F6 N3 O3'
ACY non-polymer 'ACETIC ACID' 'C2 H4 O2'
CA non-polymer 'CALCIUM ION' 'Ca 2'
#
# COMPACT_ATOMS: atom_id res chain seq x y z
N VAL A 1 -10.66 -2.17 1.69
CA VAL A 1 -11.11 -0.79 1.78
C VAL A 1 -12.57 -0.81 2.28
N VAL A 2 -12.86 -0.08 3.37
CA VAL A 2 -14.20 0.09 3.93
C VAL A 2 -14.76 1.38 3.32
N GLY A 3 -16.03 1.39 2.94
CA GLY A 3 -16.64 2.58 2.36
C GLY A 3 -16.07 2.97 0.99
N GLY A 4 -15.56 2.03 0.21
CA GLY A 4 -14.99 2.30 -1.10
C GLY A 4 -15.99 2.23 -2.26
N THR A 5 -15.54 2.49 -3.50
CA THR A 5 -16.33 2.28 -4.70
C THR A 5 -15.42 1.44 -5.57
N GLU A 6 -15.97 0.69 -6.54
CA GLU A 6 -15.14 -0.13 -7.40
C GLU A 6 -14.35 0.79 -8.34
N ALA A 7 -13.06 0.49 -8.48
CA ALA A 7 -12.18 1.24 -9.38
C ALA A 7 -12.30 0.79 -10.85
N GLN A 8 -12.18 1.74 -11.78
CA GLN A 8 -12.12 1.40 -13.18
C GLN A 8 -10.86 0.59 -13.43
N ARG A 9 -10.88 -0.22 -14.48
CA ARG A 9 -9.86 -1.18 -14.82
C ARG A 9 -8.44 -0.65 -15.10
N ASN A 10 -8.34 0.62 -15.49
CA ASN A 10 -7.05 1.20 -15.86
C ASN A 10 -6.68 2.47 -15.07
N SER A 11 -7.41 2.71 -13.98
CA SER A 11 -7.23 3.91 -13.19
C SER A 11 -5.95 3.92 -12.39
N TRP A 12 -5.55 2.73 -11.89
CA TRP A 12 -4.44 2.69 -10.97
C TRP A 12 -3.49 1.59 -11.37
N PRO A 13 -2.78 1.70 -12.49
CA PRO A 13 -2.05 0.61 -13.11
C PRO A 13 -0.75 0.16 -12.43
N SER A 14 -0.29 0.87 -11.38
CA SER A 14 0.87 0.45 -10.64
C SER A 14 0.49 -0.46 -9.46
N GLN A 15 -0.81 -0.59 -9.18
CA GLN A 15 -1.30 -1.48 -8.14
C GLN A 15 -0.99 -2.95 -8.41
N ILE A 16 -0.41 -3.68 -7.44
CA ILE A 16 -0.24 -5.11 -7.65
C ILE A 16 -0.90 -5.84 -6.49
N SER A 17 -1.16 -7.12 -6.69
CA SER A 17 -1.59 -8.00 -5.63
C SER A 17 -0.44 -8.94 -5.26
N LEU A 18 -0.07 -8.93 -3.99
CA LEU A 18 0.95 -9.81 -3.42
C LEU A 18 0.21 -11.02 -2.83
N GLN A 19 0.57 -12.21 -3.33
CA GLN A 19 -0.13 -13.46 -3.00
C GLN A 19 0.82 -14.51 -2.48
N TYR A 20 0.36 -15.41 -1.62
CA TYR A 20 1.21 -16.48 -1.17
C TYR A 20 0.58 -17.80 -1.53
N ARG A 21 1.41 -18.80 -1.73
CA ARG A 21 0.89 -20.11 -2.06
C ARG A 21 0.23 -20.77 -0.85
N SER A 22 -1.03 -21.23 -0.93
CA SER A 22 -1.63 -22.01 0.14
C SER A 22 -2.29 -23.21 -0.52
N GLY A 23 -1.76 -24.39 -0.14
CA GLY A 23 -2.16 -25.67 -0.71
C GLY A 23 -1.74 -25.66 -2.17
N SER A 24 -2.69 -25.82 -3.10
CA SER A 24 -2.39 -25.68 -4.52
C SER A 24 -2.63 -24.28 -5.06
N SER A 25 -3.63 -23.58 -4.50
CA SER A 25 -3.91 -22.25 -4.97
C SER A 25 -2.98 -21.19 -4.38
N TRP A 26 -3.32 -19.93 -4.69
CA TRP A 26 -2.59 -18.74 -4.27
C TRP A 26 -3.60 -17.80 -3.64
N ALA A 27 -3.31 -17.18 -2.50
CA ALA A 27 -4.25 -16.27 -1.84
C ALA A 27 -3.65 -14.87 -1.70
N HIS A 28 -4.48 -13.87 -2.02
CA HIS A 28 -4.13 -12.46 -1.80
C HIS A 28 -3.85 -12.15 -0.33
N THR A 29 -2.71 -11.49 -0.04
CA THR A 29 -2.47 -11.08 1.33
C THR A 29 -2.25 -9.56 1.49
N CYS A 30 -1.63 -8.91 0.50
CA CYS A 30 -1.29 -7.49 0.62
C CYS A 30 -1.32 -6.83 -0.74
N GLY A 31 -1.35 -5.50 -0.77
CA GLY A 31 -1.15 -4.80 -2.00
C GLY A 31 0.35 -4.48 -2.17
N GLY A 32 0.69 -3.70 -3.19
CA GLY A 32 2.05 -3.20 -3.43
C GLY A 32 1.98 -2.22 -4.58
N THR A 33 3.11 -1.65 -4.99
CA THR A 33 3.16 -0.69 -6.10
C THR A 33 4.33 -1.13 -6.95
N LEU A 34 4.17 -1.22 -8.25
CA LEU A 34 5.23 -1.59 -9.20
C LEU A 34 6.13 -0.36 -9.29
N ILE A 35 7.42 -0.36 -8.98
CA ILE A 35 8.20 0.88 -9.11
C ILE A 35 9.26 0.76 -10.18
N ARG A 36 9.59 -0.43 -10.64
CA ARG A 36 10.45 -0.67 -11.79
C ARG A 36 9.81 -1.89 -12.41
N GLN A 37 10.17 -2.27 -13.65
CA GLN A 37 9.62 -3.44 -14.30
C GLN A 37 9.92 -4.69 -13.50
N ASN A 38 11.02 -4.71 -12.73
CA ASN A 38 11.34 -5.83 -11.87
C ASN A 38 11.43 -5.55 -10.38
N TRP A 39 10.81 -4.47 -9.88
CA TRP A 39 10.80 -4.15 -8.46
C TRP A 39 9.43 -3.72 -8.02
N VAL A 40 9.02 -4.26 -6.87
CA VAL A 40 7.77 -3.87 -6.23
C VAL A 40 8.04 -3.28 -4.85
N MET A 41 7.36 -2.18 -4.51
CA MET A 41 7.38 -1.64 -3.18
C MET A 41 6.15 -2.13 -2.35
N THR A 42 6.31 -2.59 -1.10
CA THR A 42 5.21 -3.04 -0.26
C THR A 42 5.51 -2.79 1.23
N ALA A 43 4.70 -3.28 2.18
CA ALA A 43 4.95 -3.09 3.59
C ALA A 43 5.82 -4.21 4.10
N ALA A 44 6.83 -3.93 4.93
CA ALA A 44 7.63 -4.99 5.51
C ALA A 44 6.79 -5.98 6.30
N HIS A 45 5.72 -5.66 7.04
CA HIS A 45 4.99 -6.69 7.77
C HIS A 45 4.27 -7.70 6.86
N CYS A 46 4.02 -7.45 5.55
CA CYS A 46 3.37 -8.40 4.65
C CYS A 46 4.26 -9.59 4.34
N VAL A 47 5.59 -9.39 4.43
CA VAL A 47 6.54 -10.45 4.17
C VAL A 47 7.27 -10.93 5.43
N ASP A 48 6.70 -10.72 6.62
CA ASP A 48 7.30 -11.27 7.83
C ASP A 48 7.23 -12.80 7.87
N ARG A 49 6.21 -13.43 7.28
CA ARG A 49 6.11 -14.89 7.20
C ARG A 49 6.92 -15.40 6.02
N GLU A 50 7.60 -16.53 6.26
CA GLU A 50 8.46 -17.08 5.23
C GLU A 50 7.70 -17.96 4.28
N LEU A 51 6.82 -17.30 3.52
CA LEU A 51 5.92 -17.91 2.56
C LEU A 51 6.45 -17.85 1.14
N THR A 52 5.91 -18.66 0.20
CA THR A 52 6.26 -18.51 -1.21
C THR A 52 5.33 -17.39 -1.73
N PHE A 53 5.91 -16.35 -2.32
CA PHE A 53 5.16 -15.21 -2.79
C PHE A 53 5.26 -15.10 -4.29
N ARG A 54 4.13 -14.61 -4.84
CA ARG A 54 4.12 -14.17 -6.23
C ARG A 54 3.41 -12.81 -6.26
N VAL A 55 3.65 -12.10 -7.34
CA VAL A 55 3.07 -10.80 -7.60
C VAL A 55 2.18 -10.94 -8.84
N VAL A 56 1.03 -10.27 -8.79
CA VAL A 56 0.13 -10.19 -9.94
C VAL A 56 -0.06 -8.74 -10.36
N VAL A 57 0.41 -8.43 -11.56
CA VAL A 57 0.25 -7.11 -12.15
C VAL A 57 -0.90 -7.18 -13.17
N GLY A 58 -1.53 -6.05 -13.50
CA GLY A 58 -2.66 -6.00 -14.43
C GLY A 58 -3.92 -6.68 -13.89
N GLU A 59 -3.99 -6.86 -12.58
CA GLU A 59 -5.09 -7.53 -11.94
C GLU A 59 -6.23 -6.58 -11.62
N HIS A 60 -7.50 -7.05 -11.75
CA HIS A 60 -8.65 -6.27 -11.34
C HIS A 60 -9.64 -7.12 -10.50
N ASN A 61 -10.06 -8.32 -10.93
CA ASN A 61 -10.99 -9.14 -10.18
C ASN A 61 -10.13 -10.30 -9.72
N LEU A 62 -9.96 -10.49 -8.42
CA LEU A 62 -9.12 -11.56 -7.94
C LEU A 62 -9.56 -12.97 -8.34
N ASN A 63 -10.86 -13.13 -8.47
CA ASN A 63 -11.46 -14.44 -8.64
C ASN A 63 -11.90 -14.75 -10.05
N GLN A 64 -11.38 -14.03 -11.06
CA GLN A 64 -11.91 -14.16 -12.44
C GLN A 64 -10.90 -13.75 -13.49
N ASN A 65 -10.65 -14.43 -14.62
CA ASN A 65 -9.72 -13.93 -15.62
C ASN A 65 -10.20 -12.64 -16.32
N ASN A 66 -9.31 -11.66 -16.17
CA ASN A 66 -9.48 -10.34 -16.74
C ASN A 66 -8.87 -10.27 -18.14
N GLY A 67 -8.01 -11.22 -18.53
CA GLY A 67 -7.32 -11.17 -19.81
C GLY A 67 -6.11 -10.24 -19.81
N THR A 68 -5.70 -9.61 -18.68
CA THR A 68 -4.63 -8.63 -18.59
C THR A 68 -3.53 -8.90 -17.56
N GLU A 69 -3.66 -10.02 -16.84
CA GLU A 69 -2.74 -10.41 -15.77
C GLU A 69 -1.39 -10.91 -16.25
N GLN A 70 -0.34 -10.54 -15.49
CA GLN A 70 0.98 -11.16 -15.62
C GLN A 70 1.41 -11.62 -14.22
N TYR A 71 1.87 -12.87 -14.16
CA TYR A 71 2.22 -13.54 -12.89
C TYR A 71 3.72 -13.79 -12.83
N VAL A 72 4.31 -13.17 -11.79
CA VAL A 72 5.78 -13.23 -11.65
C VAL A 72 6.14 -13.64 -10.25
N GLY A 73 7.17 -14.48 -10.16
CA GLY A 73 7.70 -14.87 -8.85
C GLY A 73 8.53 -13.76 -8.17
N VAL A 74 8.59 -13.82 -6.84
CA VAL A 74 9.45 -12.94 -6.05
C VAL A 74 10.79 -13.67 -5.86
N GLN A 75 11.83 -13.09 -6.44
CA GLN A 75 13.18 -13.61 -6.37
C GLN A 75 14.01 -13.10 -5.18
N LYS A 76 13.88 -11.84 -4.72
CA LYS A 76 14.67 -11.41 -3.59
C LYS A 76 13.83 -10.46 -2.79
N ILE A 77 13.84 -10.54 -1.47
CA ILE A 77 13.11 -9.62 -0.60
C ILE A 77 14.10 -8.74 0.19
N VAL A 78 13.96 -7.40 0.15
CA VAL A 78 14.83 -6.53 0.92
C VAL A 78 13.95 -5.73 1.87
N VAL A 79 13.90 -5.99 3.18
CA VAL A 79 13.07 -5.15 4.03
C VAL A 79 14.00 -4.12 4.67
N HIS A 80 13.43 -3.02 5.17
CA HIS A 80 14.19 -1.95 5.77
C HIS A 80 15.00 -2.50 6.93
N PRO A 81 16.32 -2.23 7.05
CA PRO A 81 17.18 -2.67 8.17
C PRO A 81 16.67 -2.43 9.59
N TYR A 82 15.87 -1.38 9.75
CA TYR A 82 15.33 -0.99 11.04
C TYR A 82 13.93 -1.50 11.35
N TRP A 83 13.30 -2.24 10.41
CA TRP A 83 11.94 -2.75 10.62
C TRP A 83 11.94 -3.70 11.80
N ASN A 84 10.97 -3.57 12.68
CA ASN A 84 10.86 -4.50 13.78
C ASN A 84 9.41 -4.91 13.88
N THR A 85 9.12 -6.19 13.59
CA THR A 85 7.79 -6.82 13.67
C THR A 85 6.97 -6.52 14.91
N ASP A 86 7.66 -6.50 16.08
CA ASP A 86 7.06 -6.23 17.38
C ASP A 86 6.77 -4.76 17.66
N ASP A 87 7.07 -3.87 16.72
CA ASP A 87 6.82 -2.47 16.93
C ASP A 87 6.46 -1.76 15.61
N VAL A 88 5.26 -1.97 15.01
CA VAL A 88 4.93 -1.23 13.76
C VAL A 88 4.89 0.27 14.02
N ALA A 89 4.59 0.67 15.27
CA ALA A 89 4.50 2.07 15.65
C ALA A 89 5.84 2.75 15.60
N ALA A 90 6.96 1.99 15.56
CA ALA A 90 8.25 2.59 15.32
C ALA A 90 8.46 3.05 13.86
N GLY A 91 7.72 2.52 12.89
CA GLY A 91 7.86 2.91 11.51
C GLY A 91 8.66 1.89 10.79
N TYR A 92 9.26 2.29 9.66
CA TYR A 92 10.10 1.47 8.81
C TYR A 92 9.36 0.31 8.20
N ASP A 93 8.05 0.49 8.08
CA ASP A 93 7.25 -0.57 7.48
C ASP A 93 7.25 -0.47 5.94
N ILE A 94 8.37 -0.94 5.38
CA ILE A 94 8.59 -0.89 3.95
C ILE A 94 9.55 -1.99 3.53
N ALA A 95 9.29 -2.57 2.37
CA ALA A 95 10.08 -3.63 1.77
C ALA A 95 10.06 -3.55 0.26
N LEU A 96 11.13 -3.96 -0.42
CA LEU A 96 11.27 -3.97 -1.89
C LEU A 96 11.46 -5.41 -2.32
N LEU A 97 10.76 -5.79 -3.38
CA LEU A 97 10.78 -7.17 -3.88
C LEU A 97 11.30 -7.14 -5.30
N ARG A 98 12.37 -7.91 -5.58
CA ARG A 98 12.86 -8.08 -6.92
C ARG A 98 12.10 -9.25 -7.51
N LEU A 99 11.57 -9.02 -8.70
CA LEU A 99 10.81 -10.01 -9.38
C LEU A 99 11.75 -10.87 -10.19
N ALA A 100 11.33 -12.13 -10.36
CA ALA A 100 12.06 -13.14 -11.10
C ALA A 100 12.23 -12.72 -12.55
N GLN A 101 11.28 -11.96 -13.12
CA GLN A 101 11.48 -11.37 -14.45
C GLN A 101 10.80 -10.02 -14.58
N SER A 102 11.18 -9.27 -15.63
CA SER A 102 10.59 -7.97 -15.89
C SER A 102 9.23 -8.14 -16.52
N VAL A 103 8.26 -7.43 -15.99
CA VAL A 103 6.93 -7.41 -16.54
C VAL A 103 6.91 -6.44 -17.73
N THR A 104 5.98 -6.69 -18.65
CA THR A 104 5.69 -5.85 -19.82
C THR A 104 4.74 -4.72 -19.42
N LEU A 105 5.10 -3.50 -19.80
CA LEU A 105 4.23 -2.40 -19.48
C LEU A 105 3.26 -2.21 -20.63
N ASN A 106 2.00 -1.91 -20.29
CA ASN A 106 0.94 -1.60 -21.27
C ASN A 106 -0.11 -0.76 -20.56
N SER A 107 -1.38 -0.55 -20.94
CA SER A 107 -2.23 0.35 -20.16
C SER A 107 -2.73 -0.15 -18.80
N TYR A 108 -2.54 -1.44 -18.48
CA TYR A 108 -2.96 -1.99 -17.21
C TYR A 108 -1.78 -2.16 -16.26
N VAL A 109 -0.55 -2.03 -16.77
CA VAL A 109 0.69 -2.25 -16.00
C VAL A 109 1.61 -1.04 -16.21
N GLN A 110 1.69 -0.15 -15.21
CA GLN A 110 2.53 1.03 -15.31
C GLN A 110 3.35 1.27 -14.05
N LEU A 111 4.47 1.99 -14.13
CA LEU A 111 5.24 2.28 -12.93
C LEU A 111 4.57 3.40 -12.12
N GLY A 112 4.63 3.25 -10.81
CA GLY A 112 4.10 4.21 -9.87
C GLY A 112 5.06 5.37 -9.81
N VAL A 113 4.54 6.58 -9.56
CA VAL A 113 5.37 7.78 -9.62
C VAL A 113 5.72 8.05 -8.16
N LEU A 114 6.99 8.15 -7.72
CA LEU A 114 7.27 8.38 -6.31
C LEU A 114 7.43 9.87 -6.03
N PRO A 115 7.12 10.41 -4.85
CA PRO A 115 7.33 11.80 -4.53
C PRO A 115 8.81 12.16 -4.42
N ARG A 116 9.12 13.46 -4.43
CA ARG A 116 10.46 13.92 -4.10
C ARG A 116 10.74 13.67 -2.63
N ALA A 117 12.00 13.33 -2.33
CA ALA A 117 12.46 13.19 -0.95
C ALA A 117 12.07 14.37 -0.07
N GLY A 118 11.53 14.14 1.11
CA GLY A 118 11.24 15.20 2.05
C GLY A 118 9.89 15.82 1.89
N THR A 119 9.14 15.54 0.81
CA THR A 119 7.85 16.18 0.57
C THR A 119 6.77 15.85 1.63
N ILE A 120 6.25 16.86 2.29
CA ILE A 120 5.15 16.72 3.25
C ILE A 120 3.89 17.35 2.62
N LEU A 121 2.72 16.67 2.63
CA LEU A 121 1.47 17.23 2.12
C LEU A 121 0.81 18.11 3.16
N ALA A 122 0.12 19.15 2.68
CA ALA A 122 -0.61 20.02 3.59
C ALA A 122 -1.81 19.23 4.12
N ASN A 123 -2.34 19.59 5.29
CA ASN A 123 -3.50 18.96 5.85
C ASN A 123 -4.64 19.02 4.85
N ASN A 124 -5.41 17.93 4.89
CA ASN A 124 -6.54 17.71 4.06
C ASN A 124 -6.24 17.68 2.59
N SER A 125 -5.08 17.19 2.18
CA SER A 125 -4.73 16.95 0.80
C SER A 125 -5.47 15.76 0.20
N PRO A 126 -5.86 15.81 -1.08
CA PRO A 126 -6.70 14.84 -1.77
C PRO A 126 -5.93 13.62 -2.22
N CYS A 127 -6.36 12.50 -1.64
CA CYS A 127 -5.68 11.23 -1.88
C CYS A 127 -6.71 10.13 -1.91
N TYR A 128 -6.35 9.04 -2.58
CA TYR A 128 -7.17 7.86 -2.69
C TYR A 128 -6.39 6.65 -2.21
N ILE A 129 -7.03 5.79 -1.41
CA ILE A 129 -6.44 4.50 -1.05
C ILE A 129 -7.01 3.46 -2.01
N THR A 130 -6.20 2.55 -2.53
CA THR A 130 -6.75 1.45 -3.34
C THR A 130 -6.36 0.07 -2.80
N GLY A 131 -7.20 -0.98 -3.03
CA GLY A 131 -6.84 -2.33 -2.61
C GLY A 131 -8.02 -3.31 -2.60
N TRP A 132 -7.63 -4.60 -2.45
CA TRP A 132 -8.59 -5.70 -2.37
C TRP A 132 -8.87 -6.18 -0.94
N GLY A 133 -8.53 -5.38 0.09
CA GLY A 133 -8.72 -5.72 1.48
C GLY A 133 -10.16 -5.77 1.95
N LEU A 134 -10.38 -6.16 3.21
CA LEU A 134 -11.71 -6.27 3.81
C LEU A 134 -12.54 -5.00 3.64
N THR A 135 -13.81 -5.25 3.29
CA THR A 135 -14.73 -4.16 3.01
C THR A 135 -15.54 -3.72 4.21
N ARG A 136 -15.40 -4.46 5.30
CA ARG A 136 -16.03 -4.19 6.58
C ARG A 136 -15.00 -4.63 7.59
N THR A 137 -15.01 -4.09 8.79
CA THR A 137 -14.22 -4.58 9.90
C THR A 137 -14.73 -6.02 10.13
N ASN A 138 -13.78 -6.96 10.15
CA ASN A 138 -14.04 -8.39 10.33
C ASN A 138 -14.93 -9.00 9.25
N GLY A 139 -14.82 -8.43 8.03
CA GLY A 139 -15.62 -8.80 6.89
C GLY A 139 -14.79 -9.69 6.01
N GLN A 140 -14.91 -9.50 4.72
CA GLN A 140 -14.15 -10.30 3.77
C GLN A 140 -13.50 -9.46 2.68
N LEU A 141 -12.51 -10.05 1.99
CA LEU A 141 -11.82 -9.40 0.87
C LEU A 141 -12.76 -8.99 -0.23
N ALA A 142 -12.37 -7.95 -0.97
CA ALA A 142 -13.15 -7.50 -2.12
C ALA A 142 -12.75 -8.40 -3.28
N GLN A 143 -13.66 -8.64 -4.21
CA GLN A 143 -13.26 -9.37 -5.42
C GLN A 143 -12.65 -8.43 -6.45
N THR A 144 -13.17 -7.22 -6.55
CA THR A 144 -12.66 -6.26 -7.52
C THR A 144 -11.96 -5.10 -6.80
N LEU A 145 -10.97 -4.46 -7.45
CA LEU A 145 -10.21 -3.35 -6.88
C LEU A 145 -11.14 -2.25 -6.36
N GLN A 146 -10.95 -1.83 -5.10
CA GLN A 146 -11.73 -0.78 -4.50
C GLN A 146 -10.94 0.47 -4.30
N GLN A 147 -11.59 1.62 -4.22
CA GLN A 147 -10.87 2.87 -3.96
C GLN A 147 -11.72 3.68 -3.03
N ALA A 148 -11.08 4.48 -2.19
CA ALA A 148 -11.84 5.37 -1.32
C ALA A 148 -11.11 6.73 -1.21
N TYR A 149 -11.85 7.84 -1.08
CA TYR A 149 -11.28 9.18 -0.99
C TYR A 149 -10.89 9.34 0.43
N LEU A 150 -9.60 9.55 0.64
CA LEU A 150 -9.04 9.61 1.96
C LEU A 150 -8.06 10.79 2.03
N PRO A 151 -8.59 11.97 2.39
CA PRO A 151 -7.82 13.19 2.60
C PRO A 151 -6.89 13.06 3.79
N THR A 152 -5.72 13.60 3.62
CA THR A 152 -4.64 13.61 4.59
C THR A 152 -5.02 14.32 5.89
N VAL A 153 -4.49 13.87 7.02
CA VAL A 153 -4.66 14.53 8.30
C VAL A 153 -3.20 14.79 8.71
N ASP A 154 -2.77 16.05 8.85
CA ASP A 154 -1.35 16.29 9.06
C ASP A 154 -0.82 15.81 10.41
N TYR A 155 0.50 15.86 10.56
CA TYR A 155 1.14 15.28 11.72
C TYR A 155 0.70 15.87 13.02
N ALA A 156 0.51 17.18 13.04
CA ALA A 156 0.13 17.86 14.27
C ALA A 156 -1.21 17.43 14.79
N ILE A 157 -2.14 17.21 13.86
CA ILE A 157 -3.49 16.76 14.22
C ILE A 157 -3.47 15.26 14.48
N CYS A 158 -2.77 14.46 13.69
CA CYS A 158 -2.80 13.02 13.88
C CYS A 158 -2.08 12.54 15.16
N SER A 159 -1.03 13.24 15.57
CA SER A 159 -0.34 12.90 16.79
C SER A 159 -0.97 13.57 18.02
N SER A 160 -2.11 14.23 17.90
CA SER A 160 -2.76 14.80 19.05
C SER A 160 -3.53 13.68 19.76
N SER A 161 -3.84 13.93 21.04
CA SER A 161 -4.37 12.88 21.90
C SER A 161 -5.68 12.20 21.49
N SER A 162 -6.60 12.93 20.89
CA SER A 162 -7.89 12.38 20.44
C SER A 162 -7.77 11.52 19.20
N TYR A 163 -6.64 11.69 18.50
CA TYR A 163 -6.35 10.90 17.32
C TYR A 163 -5.43 9.77 17.71
N TRP A 164 -4.19 9.66 17.19
CA TRP A 164 -3.34 8.54 17.45
C TRP A 164 -2.34 8.82 18.53
N GLY A 165 -2.22 10.07 19.00
CA GLY A 165 -1.21 10.39 20.00
C GLY A 165 0.19 10.05 19.50
N SER A 166 0.95 9.47 20.43
CA SER A 166 2.34 9.06 20.24
C SER A 166 2.58 7.88 19.31
N THR A 167 1.55 7.13 18.96
CA THR A 167 1.72 5.98 18.06
C THR A 167 2.18 6.41 16.68
N VAL A 168 1.73 7.57 16.17
CA VAL A 168 2.14 8.03 14.82
C VAL A 168 3.42 8.88 14.93
N LYS A 169 4.28 8.64 13.96
CA LYS A 169 5.53 9.35 13.85
C LYS A 169 5.49 10.27 12.63
N ASN A 170 6.54 11.08 12.45
CA ASN A 170 6.61 11.94 11.29
C ASN A 170 7.05 11.24 10.00
N SER A 171 7.59 10.02 10.11
CA SER A 171 7.87 9.11 9.00
C SER A 171 6.62 8.41 8.45
N MET A 172 5.44 8.86 8.86
CA MET A 172 4.15 8.30 8.46
C MET A 172 3.20 9.37 7.95
N VAL A 173 2.20 9.01 7.11
CA VAL A 173 1.13 9.88 6.61
C VAL A 173 -0.16 9.30 7.25
N CYS A 174 -1.05 10.15 7.76
CA CYS A 174 -2.35 9.70 8.24
C CYS A 174 -3.35 10.14 7.18
N ALA A 175 -4.39 9.36 6.83
CA ALA A 175 -5.39 9.83 5.88
C ALA A 175 -6.72 9.21 6.30
N GLY A 176 -7.79 10.00 6.30
CA GLY A 176 -9.12 9.51 6.66
C GLY A 176 -9.56 9.86 8.06
N GLY A 177 -10.11 8.88 8.78
CA GLY A 177 -10.58 9.06 10.14
C GLY A 177 -12.03 9.53 10.28
N ASP A 178 -12.88 9.49 9.24
CA ASP A 178 -14.26 9.99 9.33
C ASP A 178 -15.31 9.01 9.90
N GLY A 179 -14.85 7.80 10.26
CA GLY A 179 -15.68 6.73 10.79
C GLY A 179 -16.35 5.92 9.70
N VAL A 180 -16.15 6.22 8.41
CA VAL A 180 -16.89 5.65 7.28
C VAL A 180 -16.02 4.97 6.23
N ARG A 181 -14.93 5.65 5.85
CA ARG A 181 -14.03 5.24 4.78
C ARG A 181 -12.70 4.93 5.44
N SER A 182 -12.00 3.87 5.01
CA SER A 182 -10.71 3.52 5.58
C SER A 182 -10.07 2.40 4.84
N GLY A 183 -8.78 2.18 5.11
CA GLY A 183 -8.12 0.95 4.65
C GLY A 183 -8.49 -0.13 5.66
N CYS A 184 -8.27 -1.40 5.34
CA CYS A 184 -8.61 -2.45 6.28
C CYS A 184 -7.65 -3.60 5.95
N GLN A 185 -7.67 -4.72 6.69
CA GLN A 185 -6.71 -5.82 6.45
C GLN A 185 -6.75 -6.32 5.02
N GLY A 186 -5.59 -6.56 4.39
CA GLY A 186 -5.49 -6.96 2.98
C GLY A 186 -5.19 -5.79 2.06
N ASP A 187 -5.30 -4.55 2.55
CA ASP A 187 -4.89 -3.34 1.82
C ASP A 187 -3.40 -2.96 2.08
N SER A 188 -2.84 -3.50 3.18
CA SER A 188 -1.47 -3.30 3.62
C SER A 188 -0.48 -3.47 2.52
N GLY A 189 0.50 -2.58 2.47
CA GLY A 189 1.49 -2.64 1.42
C GLY A 189 1.15 -1.85 0.19
N GLY A 190 -0.16 -1.55 0.04
CA GLY A 190 -0.66 -0.87 -1.15
C GLY A 190 -0.42 0.64 -1.10
N PRO A 191 -0.72 1.29 -2.22
CA PRO A 191 -0.60 2.73 -2.38
C PRO A 191 -1.62 3.66 -1.75
N LEU A 192 -1.14 4.87 -1.40
CA LEU A 192 -1.99 6.01 -1.09
C LEU A 192 -1.53 6.91 -2.23
N HIS A 193 -2.42 7.13 -3.20
CA HIS A 193 -2.16 7.95 -4.38
C HIS A 193 -2.63 9.36 -4.10
N CYS A 194 -1.77 10.39 -4.15
CA CYS A 194 -2.14 11.80 -3.88
C CYS A 194 -1.78 12.68 -5.09
N LEU A 195 -2.74 13.55 -5.42
CA LEU A 195 -2.64 14.44 -6.57
C LEU A 195 -1.77 15.62 -6.16
N VAL A 196 -0.64 15.75 -6.86
CA VAL A 196 0.34 16.80 -6.62
C VAL A 196 0.74 17.35 -7.98
N ASN A 197 0.45 18.63 -8.20
CA ASN A 197 0.75 19.29 -9.49
C ASN A 197 0.30 18.52 -10.73
N GLY A 198 -0.98 18.16 -10.65
CA GLY A 198 -1.74 17.51 -11.70
C GLY A 198 -1.34 16.08 -11.94
N GLN A 199 -0.56 15.47 -11.05
CA GLN A 199 -0.06 14.12 -11.22
C GLN A 199 -0.33 13.28 -9.97
N TYR A 200 -0.81 12.05 -10.08
CA TYR A 200 -0.96 11.22 -8.90
C TYR A 200 0.42 10.60 -8.64
N ALA A 201 0.86 10.70 -7.39
CA ALA A 201 2.07 10.07 -6.95
C ALA A 201 1.74 9.23 -5.71
N VAL A 202 2.53 8.20 -5.51
CA VAL A 202 2.35 7.28 -4.39
C VAL A 202 3.11 7.81 -3.17
N HIS A 203 2.37 8.45 -2.27
CA HIS A 203 2.93 9.04 -1.09
C HIS A 203 2.89 8.15 0.14
N GLY A 204 2.10 7.08 0.13
CA GLY A 204 2.00 6.22 1.31
C GLY A 204 2.03 4.75 0.97
N VAL A 205 2.60 3.91 1.85
CA VAL A 205 2.49 2.45 1.76
C VAL A 205 1.56 2.09 2.96
N THR A 206 0.40 1.42 2.77
CA THR A 206 -0.54 1.22 3.88
C THR A 206 0.11 0.35 4.94
N SER A 207 0.01 0.82 6.19
CA SER A 207 0.66 0.13 7.30
C SER A 207 -0.30 -0.39 8.38
N PHE A 208 -1.10 0.46 9.00
CA PHE A 208 -1.99 0.04 10.05
C PHE A 208 -3.25 0.84 10.29
N VAL A 209 -4.20 0.19 11.00
CA VAL A 209 -5.48 0.75 11.44
C VAL A 209 -5.59 0.41 12.93
N SER A 210 -6.62 0.98 13.55
CA SER A 210 -6.92 0.74 14.94
C SER A 210 -7.24 -0.72 15.24
N ARG A 211 -6.71 -1.23 16.36
CA ARG A 211 -7.09 -2.51 16.96
C ARG A 211 -8.60 -2.57 17.11
N LEU A 212 -9.22 -1.44 17.36
CA LEU A 212 -10.65 -1.38 17.54
C LEU A 212 -11.50 -1.55 16.28
N GLY A 213 -10.93 -1.39 15.08
CA GLY A 213 -11.71 -1.48 13.86
C GLY A 213 -11.04 -0.73 12.73
N CYS A 214 -11.43 -1.04 11.49
CA CYS A 214 -10.85 -0.34 10.36
C CYS A 214 -11.37 1.10 10.27
N ASN A 215 -12.67 1.39 10.18
CA ASN A 215 -13.23 2.74 10.12
C ASN A 215 -13.63 3.21 11.49
N VAL A 216 -12.70 3.85 12.16
CA VAL A 216 -12.96 4.37 13.50
C VAL A 216 -12.75 5.88 13.41
N THR A 217 -13.75 6.64 13.88
CA THR A 217 -13.70 8.09 13.92
C THR A 217 -12.47 8.54 14.72
N ARG A 218 -11.64 9.41 14.13
CA ARG A 218 -10.38 9.93 14.68
C ARG A 218 -9.24 8.93 14.85
N LYS A 219 -9.36 7.80 14.12
CA LYS A 219 -8.25 6.89 13.97
C LYS A 219 -8.05 6.71 12.46
N PRO A 220 -7.47 7.68 11.78
CA PRO A 220 -7.08 7.58 10.38
C PRO A 220 -6.32 6.35 10.04
N THR A 221 -6.40 5.91 8.79
CA THR A 221 -5.53 4.85 8.31
C THR A 221 -4.10 5.40 8.30
N VAL A 222 -3.09 4.58 8.62
CA VAL A 222 -1.71 5.05 8.75
C VAL A 222 -0.84 4.36 7.73
N PHE A 223 -0.04 5.23 7.10
CA PHE A 223 0.82 4.85 5.99
C PHE A 223 2.26 5.21 6.24
N THR A 224 3.17 4.40 5.73
CA THR A 224 4.60 4.70 5.70
C THR A 224 4.73 5.85 4.68
N ARG A 225 5.41 6.94 5.07
CA ARG A 225 5.62 8.09 4.21
C ARG A 225 6.75 7.77 3.26
N VAL A 226 6.41 7.46 2.02
CA VAL A 226 7.37 7.11 0.99
C VAL A 226 8.44 8.19 0.83
N SER A 227 8.12 9.49 0.94
CA SER A 227 9.12 10.50 0.69
C SER A 227 10.21 10.53 1.76
N ALA A 228 10.01 9.84 2.86
CA ALA A 228 11.03 9.71 3.85
C ALA A 228 11.99 8.61 3.42
N TYR A 229 11.73 7.81 2.37
CA TYR A 229 12.56 6.65 2.04
C TYR A 229 13.15 6.62 0.64
N ILE A 230 13.19 7.76 -0.03
CA ILE A 230 13.64 7.80 -1.42
C ILE A 230 15.10 7.42 -1.58
N SER A 231 15.99 7.89 -0.71
CA SER A 231 17.40 7.52 -0.82
C SER A 231 17.62 6.03 -0.57
N TRP A 232 16.89 5.43 0.39
CA TRP A 232 17.01 4.01 0.67
C TRP A 232 16.55 3.21 -0.55
N ILE A 233 15.38 3.55 -1.13
CA ILE A 233 14.87 2.86 -2.34
C ILE A 233 15.88 2.86 -3.49
N ASN A 234 16.37 4.05 -3.80
CA ASN A 234 17.34 4.14 -4.87
C ASN A 234 18.66 3.39 -4.63
N ASN A 235 19.19 3.35 -3.39
CA ASN A 235 20.39 2.59 -3.03
C ASN A 235 20.17 1.08 -3.12
N VAL A 236 18.94 0.61 -2.85
CA VAL A 236 18.66 -0.81 -2.97
C VAL A 236 18.60 -1.21 -4.44
N ILE A 237 17.87 -0.50 -5.29
CA ILE A 237 17.74 -0.87 -6.70
C ILE A 237 19.05 -0.80 -7.46
N ALA A 238 19.77 0.29 -7.17
CA ALA A 238 21.09 0.56 -7.71
C ALA A 238 22.07 -0.59 -7.44
N SER A 239 21.99 -1.28 -6.31
CA SER A 239 22.88 -2.40 -6.07
C SER A 239 22.38 -3.82 -6.40
N ASN A 240 21.11 -4.03 -6.78
CA ASN A 240 20.57 -5.38 -6.97
C ASN A 240 20.00 -5.80 -8.31
C1 0Z0 B . -4.52 -3.49 8.26
C2 0Z0 B . -4.30 -2.49 7.08
O 0Z0 B . -5.64 -3.85 8.66
F1 0Z0 B . -5.23 -1.50 7.06
F2 0Z0 B . -4.36 -3.04 5.85
F3 0Z0 B . -3.12 -1.86 7.17
N 0Z0 B . -3.55 -3.67 8.52
CA 0Z0 B . -3.05 -4.25 9.74
C 0Z0 B . -3.61 -3.60 11.04
O1 0Z0 B . -3.40 -2.41 11.28
CB 0Z0 B . -1.60 -4.10 9.45
CG 0Z0 B . -0.58 -4.15 10.55
CD1 0Z0 B . -0.73 -4.92 11.72
CD2 0Z0 B . 0.60 -3.42 10.33
CE1 0Z0 B . 0.30 -4.98 12.68
CE2 0Z0 B . 1.61 -3.49 11.29
CZ 0Z0 B . 1.48 -4.26 12.45
N1 0Z0 B . -4.31 -4.44 11.84
CA1 0Z0 B . -4.98 -3.98 13.08
C3 0Z0 B . -4.04 -3.63 14.23
O2 0Z0 B . -3.78 -4.43 15.14
CB1 0Z0 B . -6.00 -5.03 13.54
N2 0Z0 B . -3.55 -2.39 14.10
C11 0Z0 B . -2.68 -1.92 15.00
C21 0Z0 B . -2.48 -0.55 15.14
C31 0Z0 B . -1.51 -0.07 16.00
C4 0Z0 B . -0.71 -0.94 16.75
C5 0Z0 B . -0.93 -2.33 16.62
C6 0Z0 B . -1.90 -2.81 15.75
C7 0Z0 B . 0.47 -0.39 17.66
F11 0Z0 B . 0.96 -1.16 18.68
F21 0Z0 B . 0.28 0.83 18.19
F31 0Z0 B . 1.49 -0.26 16.78
CA CA C . -8.24 -11.69 -12.49
C ACY D . -2.50 -7.31 6.42
O ACY D . -1.59 -7.14 7.25
OXT ACY D . -3.19 -6.36 6.00
CH3 ACY D . -2.82 -8.74 5.89
#